data_4R4G
#
_entry.id   4R4G
#
_cell.length_a   98.653
_cell.length_b   98.653
_cell.length_c   195.018
_cell.angle_alpha   90.000
_cell.angle_beta   90.000
_cell.angle_gamma   120.000
#
_symmetry.space_group_name_H-M   'P 65 2 2'
#
loop_
_entity.id
_entity.type
_entity.pdbx_description
1 polymer 'putative lipoprotein YcdA'
2 non-polymer 'TETRAETHYLENE GLYCOL'
3 water water
#
_entity_poly.entity_id   1
_entity_poly.type   'polypeptide(L)'
_entity_poly.pdbx_seq_one_letter_code
;GEKKESETEKSSDIAQVKIKDVSYTLPSKYDKSTSDDQLVLKVNVAVKNTGKDPLNVDS(MSE)DFTLYQGDTK(MSE)S
DTDPEDYSEKLQGSTINADKSVEGNLFFVVDKGKQYELNYTPESYGDKKPKSVTFKIDGKDKKILATADKLQDSAKALSA
YVDVLLFGKDNADFEKITGANKNEIVNDFNESAKDGYLSASGLSSTYADSKALDNIVNGIKEGLSKNSSIQAKTTSISKD
EAIVEATVKPVDASSLSDRIEDKVKDYYSKNSSASYEEAVKYALQVYPEEFKKLGPASSEKTVEVK(MSE)KKNDIDQWQ
LD(MSE)DDYRAAELVEAFIKE
;
_entity_poly.pdbx_strand_id   A
#
# COMPACT_ATOMS: atom_id res chain seq x y z
N GLU A 5 -7.40 -40.44 1.61
CA GLU A 5 -7.24 -39.45 0.54
C GLU A 5 -8.58 -38.75 0.20
N SER A 6 -8.52 -37.40 0.02
CA SER A 6 -9.60 -36.44 -0.33
C SER A 6 -8.96 -35.07 -0.72
N GLU A 7 -9.77 -34.06 -1.09
CA GLU A 7 -9.32 -32.75 -1.59
C GLU A 7 -8.19 -32.07 -0.75
N THR A 8 -8.41 -31.84 0.56
CA THR A 8 -7.48 -31.11 1.44
C THR A 8 -6.76 -31.97 2.47
N GLU A 9 -7.08 -33.26 2.53
CA GLU A 9 -6.42 -34.18 3.46
C GLU A 9 -6.08 -35.43 2.71
N LYS A 10 -4.80 -35.79 2.71
CA LYS A 10 -4.31 -37.00 2.05
C LYS A 10 -3.24 -37.60 2.92
N SER A 11 -3.00 -38.89 2.75
CA SER A 11 -2.03 -39.58 3.58
C SER A 11 -1.44 -40.80 2.90
N SER A 12 -0.24 -41.13 3.36
CA SER A 12 0.50 -42.32 3.02
C SER A 12 0.59 -43.09 4.33
N ASP A 13 1.19 -44.27 4.30
CA ASP A 13 1.32 -45.09 5.51
C ASP A 13 2.30 -44.46 6.53
N ILE A 14 3.18 -43.52 6.07
CA ILE A 14 4.19 -42.93 6.95
C ILE A 14 3.88 -41.48 7.38
N ALA A 15 3.05 -40.72 6.62
CA ALA A 15 2.69 -39.36 7.03
C ALA A 15 1.30 -38.95 6.54
N GLN A 16 0.65 -38.00 7.25
CA GLN A 16 -0.65 -37.46 6.87
C GLN A 16 -0.55 -35.95 6.73
N VAL A 17 -0.91 -35.42 5.56
CA VAL A 17 -0.82 -33.99 5.31
C VAL A 17 -2.21 -33.40 5.16
N LYS A 18 -2.45 -32.29 5.85
CA LYS A 18 -3.70 -31.57 5.81
C LYS A 18 -3.41 -30.15 5.42
N ILE A 19 -4.13 -29.63 4.43
CA ILE A 19 -3.99 -28.23 4.02
C ILE A 19 -5.03 -27.42 4.78
N LYS A 20 -4.60 -26.69 5.81
CA LYS A 20 -5.47 -25.93 6.68
C LYS A 20 -5.96 -24.63 6.02
N ASP A 21 -5.12 -23.91 5.24
CA ASP A 21 -5.53 -22.65 4.60
C ASP A 21 -4.72 -22.36 3.32
N VAL A 22 -5.29 -21.59 2.35
CA VAL A 22 -4.65 -21.18 1.09
C VAL A 22 -5.02 -19.74 0.78
N SER A 23 -4.04 -18.85 0.70
CA SER A 23 -4.30 -17.45 0.40
C SER A 23 -3.18 -16.85 -0.42
N TYR A 24 -3.50 -15.75 -1.10
CA TYR A 24 -2.54 -14.95 -1.86
C TYR A 24 -1.99 -13.89 -0.93
N THR A 25 -0.69 -13.65 -1.04
CA THR A 25 -0.02 -12.63 -0.24
C THR A 25 0.90 -11.83 -1.16
N LEU A 26 1.31 -10.67 -0.67
CA LEU A 26 2.24 -9.84 -1.39
C LEU A 26 3.60 -10.32 -0.97
N PRO A 27 4.61 -10.29 -1.84
CA PRO A 27 5.95 -10.73 -1.41
C PRO A 27 6.56 -9.87 -0.28
N SER A 28 7.65 -10.38 0.32
CA SER A 28 8.41 -9.70 1.36
C SER A 28 9.02 -8.44 0.75
N LYS A 29 9.27 -7.36 1.55
CA LYS A 29 9.94 -6.13 1.05
C LYS A 29 11.30 -6.51 0.43
N TYR A 30 11.90 -7.61 0.97
CA TYR A 30 13.22 -8.11 0.63
C TYR A 30 13.20 -9.32 -0.32
N ASP A 31 12.01 -9.76 -0.79
CA ASP A 31 11.85 -10.86 -1.75
C ASP A 31 12.44 -10.45 -3.10
N LYS A 32 13.33 -11.28 -3.66
CA LYS A 32 13.99 -10.97 -4.93
C LYS A 32 13.60 -11.98 -6.02
N SER A 33 12.81 -13.01 -5.67
CA SER A 33 12.37 -14.04 -6.62
C SER A 33 11.01 -13.72 -7.31
N THR A 34 10.25 -12.71 -6.81
CA THR A 34 8.95 -12.36 -7.38
C THR A 34 9.00 -11.16 -8.34
N SER A 35 8.06 -11.14 -9.29
CA SER A 35 7.83 -10.05 -10.22
C SER A 35 6.75 -9.16 -9.64
N ASP A 36 6.58 -7.94 -10.22
CA ASP A 36 5.58 -6.99 -9.70
C ASP A 36 4.16 -7.52 -9.94
N ASP A 37 4.03 -8.37 -10.98
CA ASP A 37 2.79 -8.98 -11.39
C ASP A 37 2.55 -10.34 -10.72
N GLN A 38 3.50 -10.79 -9.87
CA GLN A 38 3.36 -12.07 -9.17
C GLN A 38 2.97 -11.86 -7.75
N LEU A 39 2.38 -12.92 -7.17
CA LEU A 39 1.96 -12.98 -5.77
C LEU A 39 2.69 -14.12 -5.11
N VAL A 40 2.44 -14.31 -3.82
CA VAL A 40 3.05 -15.40 -3.07
C VAL A 40 1.90 -16.21 -2.52
N LEU A 41 1.87 -17.52 -2.84
CA LEU A 41 0.80 -18.39 -2.35
C LEU A 41 1.19 -18.90 -0.97
N LYS A 42 0.37 -18.56 0.05
CA LYS A 42 0.60 -18.97 1.44
C LYS A 42 -0.31 -20.16 1.72
N VAL A 43 0.31 -21.33 1.87
CA VAL A 43 -0.37 -22.61 2.13
C VAL A 43 -0.02 -23.05 3.56
N ASN A 44 -1.02 -23.01 4.48
CA ASN A 44 -0.82 -23.46 5.86
C ASN A 44 -1.11 -24.94 5.87
N VAL A 45 -0.12 -25.74 6.28
CA VAL A 45 -0.23 -27.19 6.29
C VAL A 45 0.00 -27.71 7.70
N ALA A 46 -0.38 -28.98 7.91
CA ALA A 46 -0.19 -29.75 9.12
C ALA A 46 0.25 -31.12 8.71
N VAL A 47 1.36 -31.61 9.29
CA VAL A 47 1.89 -32.92 8.95
C VAL A 47 1.88 -33.81 10.20
N LYS A 48 1.03 -34.85 10.19
CA LYS A 48 0.89 -35.85 11.26
C LYS A 48 1.75 -37.07 10.93
N ASN A 49 2.58 -37.55 11.87
CA ASN A 49 3.41 -38.74 11.64
C ASN A 49 2.52 -39.97 11.89
N THR A 50 2.05 -40.63 10.80
CA THR A 50 1.18 -41.80 10.93
C THR A 50 2.00 -43.10 11.10
N GLY A 51 3.32 -43.01 10.96
CA GLY A 51 4.23 -44.14 11.09
C GLY A 51 4.65 -44.46 12.51
N LYS A 52 5.75 -45.21 12.64
CA LYS A 52 6.29 -45.63 13.93
C LYS A 52 7.47 -44.75 14.31
N ASP A 53 8.56 -44.80 13.51
CA ASP A 53 9.82 -44.06 13.69
C ASP A 53 9.65 -42.52 13.65
N PRO A 54 10.56 -41.74 14.31
CA PRO A 54 10.43 -40.27 14.25
C PRO A 54 10.70 -39.77 12.84
N LEU A 55 9.95 -38.73 12.42
CA LEU A 55 9.96 -38.14 11.08
C LEU A 55 10.40 -36.69 11.08
N ASN A 56 11.46 -36.37 10.31
CA ASN A 56 11.89 -34.97 10.16
C ASN A 56 11.00 -34.29 9.13
N VAL A 57 10.47 -33.09 9.43
CA VAL A 57 9.60 -32.36 8.51
C VAL A 57 10.18 -30.96 8.28
N ASP A 58 10.42 -30.62 7.00
CA ASP A 58 11.00 -29.35 6.56
C ASP A 58 10.18 -28.75 5.42
N SER A 59 10.33 -27.42 5.23
CA SER A 59 9.70 -26.66 4.14
CA SER A 59 9.64 -26.73 4.15
C SER A 59 10.11 -27.26 2.79
N ASP A 61 10.48 -30.15 1.84
CA ASP A 61 9.79 -31.40 1.51
C ASP A 61 8.58 -31.11 0.64
N PHE A 62 8.25 -29.83 0.46
CA PHE A 62 7.11 -29.44 -0.36
C PHE A 62 7.58 -28.68 -1.58
N THR A 63 6.93 -28.93 -2.71
CA THR A 63 7.17 -28.25 -3.99
C THR A 63 5.82 -27.85 -4.55
N LEU A 64 5.79 -26.73 -5.27
CA LEU A 64 4.55 -26.32 -5.91
C LEU A 64 4.76 -26.23 -7.39
N TYR A 65 3.76 -26.69 -8.14
CA TYR A 65 3.72 -26.58 -9.58
C TYR A 65 2.57 -25.69 -9.94
N GLN A 66 2.80 -24.79 -10.90
CA GLN A 66 1.79 -23.94 -11.52
C GLN A 66 1.70 -24.45 -12.92
N GLY A 67 0.55 -25.03 -13.25
CA GLY A 67 0.40 -25.72 -14.52
C GLY A 67 1.30 -26.94 -14.42
N ASP A 68 2.26 -27.04 -15.36
CA ASP A 68 3.26 -28.11 -15.37
C ASP A 68 4.64 -27.58 -14.95
N THR A 69 4.75 -26.31 -14.58
CA THR A 69 6.01 -25.64 -14.22
C THR A 69 6.20 -25.58 -12.71
N LYS A 70 7.39 -25.99 -12.26
CA LYS A 70 7.79 -25.89 -10.85
C LYS A 70 7.98 -24.43 -10.51
N SER A 72 9.14 -21.31 -7.62
CA SER A 72 10.13 -21.06 -6.58
C SER A 72 9.48 -21.03 -5.21
N ASP A 73 10.19 -21.51 -4.23
CA ASP A 73 9.72 -21.37 -2.87
C ASP A 73 10.21 -20.00 -2.43
N THR A 74 9.48 -19.33 -1.56
CA THR A 74 10.00 -18.05 -1.15
C THR A 74 9.88 -17.94 0.36
N ASP A 75 10.32 -16.83 0.91
CA ASP A 75 10.33 -16.63 2.35
C ASP A 75 9.49 -15.43 2.70
N PRO A 76 8.77 -15.45 3.86
CA PRO A 76 8.02 -14.24 4.27
C PRO A 76 9.01 -13.20 4.84
N GLU A 77 8.55 -11.99 5.25
CA GLU A 77 9.45 -10.98 5.83
C GLU A 77 10.02 -11.52 7.15
N ASP A 78 9.21 -12.21 7.96
CA ASP A 78 9.68 -12.79 9.20
C ASP A 78 9.66 -14.30 9.03
N TYR A 79 10.85 -14.89 8.77
CA TYR A 79 11.00 -16.32 8.51
C TYR A 79 10.37 -17.18 9.61
N SER A 80 10.16 -16.64 10.84
CA SER A 80 9.53 -17.40 11.93
C SER A 80 8.07 -17.74 11.56
N GLU A 81 7.48 -17.02 10.59
CA GLU A 81 6.12 -17.24 10.09
C GLU A 81 6.03 -18.44 9.14
N LYS A 82 7.15 -19.14 8.90
CA LYS A 82 7.22 -20.25 7.98
C LYS A 82 7.36 -21.54 8.74
N LEU A 83 7.00 -22.66 8.11
CA LEU A 83 7.16 -23.99 8.69
C LEU A 83 8.62 -24.18 9.10
N GLN A 84 8.84 -24.66 10.33
CA GLN A 84 10.19 -24.81 10.84
C GLN A 84 10.62 -26.25 10.79
N GLY A 85 11.87 -26.44 10.41
CA GLY A 85 12.51 -27.75 10.36
C GLY A 85 12.48 -28.35 11.74
N SER A 86 11.81 -29.48 11.87
CA SER A 86 11.66 -30.14 13.14
C SER A 86 11.59 -31.65 12.95
N THR A 87 11.46 -32.39 14.06
CA THR A 87 11.33 -33.84 14.08
C THR A 87 10.07 -34.16 14.91
N ILE A 88 9.24 -35.09 14.40
CA ILE A 88 7.99 -35.49 15.05
C ILE A 88 7.91 -37.02 15.16
N ASN A 89 7.66 -37.50 16.39
CA ASN A 89 7.56 -38.94 16.68
C ASN A 89 6.13 -39.42 16.34
N ALA A 90 5.84 -40.75 16.44
CA ALA A 90 4.52 -41.30 16.08
C ALA A 90 3.34 -40.49 16.67
N ASP A 91 2.32 -40.23 15.81
CA ASP A 91 1.07 -39.49 16.05
CA ASP A 91 1.06 -39.50 16.11
C ASP A 91 1.32 -38.02 16.45
N LYS A 92 2.59 -37.55 16.38
CA LYS A 92 2.94 -36.14 16.66
C LYS A 92 2.70 -35.28 15.40
N SER A 93 2.35 -33.99 15.56
CA SER A 93 2.10 -33.15 14.39
C SER A 93 2.79 -31.80 14.44
N VAL A 94 3.30 -31.39 13.28
CA VAL A 94 3.91 -30.07 13.07
C VAL A 94 2.93 -29.30 12.19
N GLU A 95 2.86 -28.00 12.37
CA GLU A 95 1.97 -27.14 11.60
C GLU A 95 2.73 -25.85 11.24
N GLY A 96 2.49 -25.31 10.05
CA GLY A 96 3.16 -24.11 9.60
C GLY A 96 2.81 -23.72 8.19
N ASN A 97 3.33 -22.59 7.75
CA ASN A 97 3.04 -22.03 6.43
C ASN A 97 4.14 -22.30 5.41
N LEU A 98 3.73 -22.36 4.13
CA LEU A 98 4.61 -22.55 2.98
C LEU A 98 4.33 -21.42 2.02
N PHE A 99 5.36 -20.94 1.33
CA PHE A 99 5.26 -19.79 0.46
C PHE A 99 5.88 -20.10 -0.90
N PHE A 100 5.15 -19.76 -1.97
CA PHE A 100 5.56 -20.04 -3.33
C PHE A 100 5.24 -18.90 -4.25
N VAL A 101 6.18 -18.57 -5.13
CA VAL A 101 6.03 -17.50 -6.12
C VAL A 101 5.11 -18.03 -7.22
N VAL A 102 3.95 -17.37 -7.40
CA VAL A 102 2.89 -17.75 -8.34
C VAL A 102 2.30 -16.55 -9.10
N ASP A 103 1.76 -16.84 -10.28
CA ASP A 103 0.95 -15.97 -11.12
C ASP A 103 -0.51 -16.23 -10.68
N LYS A 104 -1.19 -15.20 -10.15
CA LYS A 104 -2.56 -15.26 -9.60
C LYS A 104 -3.53 -16.01 -10.51
N GLY A 105 -4.39 -16.81 -9.86
CA GLY A 105 -5.48 -17.55 -10.49
C GLY A 105 -5.11 -18.70 -11.39
N LYS A 106 -4.03 -19.44 -11.07
CA LYS A 106 -3.68 -20.57 -11.91
C LYS A 106 -4.02 -21.90 -11.21
N GLN A 107 -3.67 -23.03 -11.84
CA GLN A 107 -3.93 -24.35 -11.27
C GLN A 107 -2.65 -24.87 -10.63
N TYR A 108 -2.65 -24.91 -9.29
CA TYR A 108 -1.47 -25.33 -8.55
C TYR A 108 -1.59 -26.78 -8.11
N GLU A 109 -0.43 -27.36 -7.81
CA GLU A 109 -0.26 -28.70 -7.33
C GLU A 109 0.82 -28.67 -6.28
N LEU A 110 0.46 -29.01 -5.04
CA LEU A 110 1.37 -29.08 -3.92
C LEU A 110 1.75 -30.53 -3.72
N ASN A 111 3.06 -30.83 -3.72
CA ASN A 111 3.56 -32.20 -3.48
CA ASN A 111 3.58 -32.17 -3.53
C ASN A 111 4.36 -32.22 -2.22
N TYR A 112 4.18 -33.29 -1.40
CA TYR A 112 4.88 -33.53 -0.15
C TYR A 112 5.59 -34.85 -0.23
N THR A 113 6.93 -34.84 -0.02
CA THR A 113 7.76 -36.05 -0.03
C THR A 113 8.39 -36.13 1.36
N PRO A 114 7.89 -37.08 2.19
CA PRO A 114 8.42 -37.23 3.56
C PRO A 114 9.90 -37.64 3.58
N GLU A 115 10.64 -37.16 4.61
CA GLU A 115 12.06 -37.41 4.80
C GLU A 115 12.21 -38.81 5.37
N SER A 116 12.10 -39.78 4.48
CA SER A 116 12.10 -41.20 4.77
C SER A 116 13.03 -41.95 3.82
N TYR A 117 13.50 -43.13 4.27
CA TYR A 117 14.32 -44.02 3.46
C TYR A 117 13.40 -44.69 2.44
N GLY A 118 13.89 -44.84 1.21
CA GLY A 118 13.12 -45.52 0.18
C GLY A 118 12.54 -44.65 -0.91
N ASP A 119 11.70 -45.30 -1.74
CA ASP A 119 11.06 -44.75 -2.93
C ASP A 119 10.06 -43.68 -2.58
N LYS A 120 10.16 -42.54 -3.30
CA LYS A 120 9.40 -41.29 -3.16
C LYS A 120 7.91 -41.44 -3.47
N LYS A 121 7.58 -41.85 -4.70
CA LYS A 121 6.21 -41.94 -5.19
C LYS A 121 5.23 -42.65 -4.23
N PRO A 122 5.52 -43.83 -3.65
CA PRO A 122 4.50 -44.46 -2.76
C PRO A 122 4.25 -43.69 -1.45
N LYS A 123 5.31 -43.15 -0.82
CA LYS A 123 5.23 -42.43 0.46
C LYS A 123 4.78 -40.96 0.29
N SER A 124 4.78 -40.41 -0.95
CA SER A 124 4.42 -39.01 -1.27
C SER A 124 2.90 -38.75 -1.40
N VAL A 125 2.48 -37.47 -1.22
CA VAL A 125 1.08 -37.05 -1.41
C VAL A 125 1.08 -35.77 -2.22
N THR A 126 0.08 -35.64 -3.08
CA THR A 126 -0.07 -34.53 -3.99
C THR A 126 -1.49 -33.91 -3.85
N PHE A 127 -1.58 -32.57 -3.79
CA PHE A 127 -2.87 -31.86 -3.72
C PHE A 127 -3.03 -30.88 -4.88
N LYS A 128 -4.25 -30.74 -5.39
CA LYS A 128 -4.55 -29.75 -6.40
C LYS A 128 -5.17 -28.56 -5.70
N ILE A 129 -4.74 -27.35 -6.09
CA ILE A 129 -5.22 -26.07 -5.57
C ILE A 129 -5.76 -25.25 -6.74
N ASP A 130 -7.06 -24.90 -6.72
CA ASP A 130 -7.64 -24.07 -7.77
C ASP A 130 -7.44 -22.60 -7.39
N GLY A 131 -6.58 -21.91 -8.13
CA GLY A 131 -6.29 -20.51 -7.87
C GLY A 131 -7.42 -19.58 -8.26
N LYS A 132 -8.33 -20.06 -9.15
CA LYS A 132 -9.49 -19.32 -9.64
C LYS A 132 -10.70 -19.53 -8.70
N ASP A 133 -10.49 -20.22 -7.54
CA ASP A 133 -11.53 -20.43 -6.51
C ASP A 133 -11.82 -19.10 -5.89
N LYS A 134 -13.13 -18.76 -5.79
CA LYS A 134 -13.64 -17.48 -5.28
C LYS A 134 -13.02 -17.10 -3.92
N LYS A 135 -13.08 -18.03 -2.93
CA LYS A 135 -12.53 -17.84 -1.57
C LYS A 135 -11.05 -17.39 -1.65
N ILE A 136 -10.21 -18.19 -2.32
CA ILE A 136 -8.77 -17.96 -2.50
C ILE A 136 -8.52 -16.60 -3.20
N LEU A 137 -9.33 -16.26 -4.22
CA LEU A 137 -9.21 -15.01 -4.98
C LEU A 137 -9.54 -13.76 -4.14
N ALA A 138 -10.41 -13.93 -3.12
CA ALA A 138 -10.84 -12.89 -2.19
C ALA A 138 -9.64 -12.28 -1.46
N THR A 139 -8.72 -13.16 -1.03
CA THR A 139 -7.52 -12.83 -0.28
C THR A 139 -6.63 -11.89 -1.11
N ALA A 140 -6.59 -12.05 -2.46
CA ALA A 140 -5.79 -11.21 -3.38
C ALA A 140 -6.30 -9.76 -3.50
N ASP A 141 -7.61 -9.59 -3.28
CA ASP A 141 -8.34 -8.32 -3.37
C ASP A 141 -8.07 -7.42 -2.14
N LYS A 142 -8.04 -8.03 -0.94
CA LYS A 142 -7.75 -7.38 0.35
C LYS A 142 -6.32 -6.81 0.43
N LEU A 143 -5.47 -7.18 -0.54
CA LEU A 143 -4.06 -6.81 -0.54
C LEU A 143 -3.85 -5.32 -0.78
N GLN A 144 -4.68 -4.73 -1.64
CA GLN A 144 -4.57 -3.31 -1.96
C GLN A 144 -5.47 -2.41 -1.07
N ASP A 145 -6.08 -2.98 0.01
CA ASP A 145 -6.90 -2.22 0.96
C ASP A 145 -6.19 -0.98 1.53
N SER A 146 -4.85 -1.09 1.84
CA SER A 146 -4.07 0.01 2.39
C SER A 146 -3.91 1.13 1.38
N ALA A 147 -3.79 0.79 0.07
CA ALA A 147 -3.65 1.77 -1.01
C ALA A 147 -4.97 2.50 -1.20
N LYS A 148 -6.10 1.76 -1.08
CA LYS A 148 -7.45 2.32 -1.16
C LYS A 148 -7.56 3.38 -0.06
N ALA A 149 -7.19 3.01 1.19
CA ALA A 149 -7.15 3.92 2.32
C ALA A 149 -6.20 5.12 2.07
N LEU A 150 -4.96 4.90 1.55
CA LEU A 150 -4.05 6.03 1.27
C LEU A 150 -4.67 7.02 0.25
N SER A 151 -5.34 6.48 -0.78
CA SER A 151 -6.01 7.27 -1.80
C SER A 151 -7.14 8.10 -1.19
N ALA A 152 -7.89 7.54 -0.19
CA ALA A 152 -8.98 8.23 0.53
C ALA A 152 -8.45 9.43 1.31
N TYR A 153 -7.26 9.28 1.95
CA TYR A 153 -6.55 10.33 2.66
C TYR A 153 -6.22 11.45 1.71
N VAL A 154 -5.70 11.13 0.52
CA VAL A 154 -5.34 12.09 -0.53
C VAL A 154 -6.60 12.83 -0.99
N ASP A 155 -7.70 12.10 -1.20
CA ASP A 155 -8.98 12.67 -1.62
C ASP A 155 -9.47 13.77 -0.66
N VAL A 156 -9.59 13.43 0.63
CA VAL A 156 -10.10 14.36 1.65
C VAL A 156 -9.11 15.48 1.98
N LEU A 157 -7.80 15.17 2.13
CA LEU A 157 -6.81 16.16 2.53
C LEU A 157 -6.27 16.99 1.42
N LEU A 158 -5.85 16.38 0.31
CA LEU A 158 -5.18 17.13 -0.76
C LEU A 158 -6.12 17.59 -1.85
N PHE A 159 -7.12 16.78 -2.20
CA PHE A 159 -8.02 17.13 -3.28
C PHE A 159 -9.27 17.86 -2.82
N GLY A 160 -9.52 17.88 -1.52
CA GLY A 160 -10.72 18.48 -0.95
C GLY A 160 -11.98 17.74 -1.35
N LYS A 161 -11.83 16.55 -1.96
CA LYS A 161 -12.90 15.70 -2.44
C LYS A 161 -13.66 15.08 -1.28
N ASP A 162 -14.95 14.79 -1.50
CA ASP A 162 -15.81 14.08 -0.56
C ASP A 162 -15.51 12.58 -0.68
N ASN A 163 -15.79 11.80 0.38
CA ASN A 163 -15.50 10.37 0.37
C ASN A 163 -16.23 9.75 1.54
N ALA A 164 -17.45 9.25 1.30
CA ALA A 164 -18.26 8.66 2.38
C ALA A 164 -17.60 7.40 2.95
N ASP A 165 -16.68 6.84 2.17
CA ASP A 165 -15.92 5.68 2.54
C ASP A 165 -14.81 5.98 3.56
N PHE A 166 -14.30 7.24 3.60
CA PHE A 166 -13.17 7.66 4.45
C PHE A 166 -13.22 7.12 5.88
N GLU A 167 -14.27 7.45 6.63
CA GLU A 167 -14.38 7.01 8.02
C GLU A 167 -14.37 5.48 8.09
N LYS A 168 -15.19 4.80 7.25
CA LYS A 168 -15.31 3.32 7.19
C LYS A 168 -13.98 2.65 6.93
N ILE A 169 -13.25 3.15 5.94
CA ILE A 169 -11.98 2.61 5.44
C ILE A 169 -10.80 2.91 6.39
N THR A 170 -10.70 4.13 6.95
CA THR A 170 -9.54 4.54 7.76
C THR A 170 -9.70 4.48 9.28
N GLY A 171 -10.89 4.76 9.79
CA GLY A 171 -11.14 4.82 11.23
C GLY A 171 -10.97 6.21 11.82
N ALA A 172 -10.33 7.15 11.07
CA ALA A 172 -10.11 8.55 11.46
C ALA A 172 -11.34 9.37 11.13
N ASN A 173 -11.51 10.57 11.72
CA ASN A 173 -12.67 11.38 11.34
C ASN A 173 -12.16 12.51 10.45
N LYS A 174 -12.74 12.59 9.23
CA LYS A 174 -12.28 13.55 8.22
C LYS A 174 -12.25 14.96 8.74
N ASN A 175 -13.32 15.44 9.37
CA ASN A 175 -13.42 16.83 9.84
C ASN A 175 -12.21 17.25 10.69
N GLU A 176 -11.81 16.43 11.65
CA GLU A 176 -10.66 16.73 12.52
C GLU A 176 -9.33 16.69 11.77
N ILE A 177 -9.05 15.63 10.99
CA ILE A 177 -7.78 15.45 10.28
C ILE A 177 -7.60 16.53 9.19
N VAL A 178 -8.69 16.94 8.53
CA VAL A 178 -8.69 17.97 7.48
C VAL A 178 -8.45 19.36 8.10
N ASN A 179 -9.18 19.71 9.19
CA ASN A 179 -9.03 20.99 9.86
C ASN A 179 -7.61 21.15 10.39
N ASP A 180 -7.06 20.07 10.97
CA ASP A 180 -5.69 20.08 11.47
C ASP A 180 -4.71 20.29 10.32
N PHE A 181 -4.94 19.60 9.17
CA PHE A 181 -4.12 19.70 7.97
C PHE A 181 -4.15 21.11 7.42
N ASN A 182 -5.35 21.66 7.20
CA ASN A 182 -5.57 23.02 6.70
C ASN A 182 -4.92 24.07 7.60
N GLU A 183 -4.95 23.89 8.92
CA GLU A 183 -4.34 24.87 9.81
C GLU A 183 -2.83 24.80 9.71
N SER A 184 -2.28 23.60 9.75
CA SER A 184 -0.85 23.34 9.62
C SER A 184 -0.34 23.89 8.28
N ALA A 185 -1.13 23.73 7.20
CA ALA A 185 -0.81 24.18 5.85
C ALA A 185 -0.79 25.70 5.75
N LYS A 186 -1.75 26.40 6.40
CA LYS A 186 -1.83 27.87 6.41
C LYS A 186 -0.69 28.47 7.19
N ASP A 187 -0.39 27.87 8.37
CA ASP A 187 0.68 28.29 9.27
C ASP A 187 2.04 28.13 8.59
N GLY A 188 2.21 27.03 7.87
CA GLY A 188 3.42 26.71 7.13
C GLY A 188 3.62 27.60 5.93
N TYR A 189 2.51 28.02 5.28
CA TYR A 189 2.53 28.92 4.13
C TYR A 189 3.05 30.30 4.56
N LEU A 190 2.47 30.87 5.63
CA LEU A 190 2.81 32.18 6.19
C LEU A 190 4.28 32.28 6.55
N SER A 191 4.83 31.24 7.21
CA SER A 191 6.22 31.19 7.63
C SER A 191 7.15 31.12 6.41
N ALA A 192 6.81 30.26 5.41
CA ALA A 192 7.57 30.08 4.16
C ALA A 192 7.60 31.35 3.29
N SER A 193 6.57 32.22 3.42
CA SER A 193 6.48 33.47 2.67
C SER A 193 6.63 34.71 3.60
N GLY A 194 7.20 34.50 4.78
CA GLY A 194 7.48 35.52 5.79
C GLY A 194 6.40 36.54 6.09
N LEU A 195 5.12 36.14 5.96
CA LEU A 195 3.98 37.01 6.23
C LEU A 195 3.60 36.97 7.70
N SER A 196 2.85 38.01 8.17
CA SER A 196 2.35 38.11 9.55
C SER A 196 1.44 36.92 9.88
N SER A 197 1.51 36.41 11.14
CA SER A 197 0.69 35.28 11.62
C SER A 197 -0.80 35.71 11.75
N THR A 198 -1.09 37.00 11.44
CA THR A 198 -2.41 37.65 11.43
C THR A 198 -3.28 36.98 10.34
N TYR A 199 -2.75 36.93 9.08
CA TYR A 199 -3.36 36.36 7.87
C TYR A 199 -3.82 34.88 8.02
N ALA A 200 -3.45 34.18 9.15
CA ALA A 200 -3.77 32.77 9.42
C ALA A 200 -5.27 32.48 9.38
N ASP A 201 -6.11 33.31 10.04
CA ASP A 201 -7.56 33.12 10.00
C ASP A 201 -8.17 34.26 9.20
N SER A 202 -7.93 34.21 7.87
CA SER A 202 -8.41 35.16 6.85
C SER A 202 -8.95 34.44 5.63
N LYS A 203 -9.90 35.08 4.93
CA LYS A 203 -10.54 34.60 3.71
C LYS A 203 -9.47 34.29 2.66
N ALA A 204 -8.47 35.18 2.52
CA ALA A 204 -7.36 35.09 1.57
C ALA A 204 -6.62 33.78 1.71
N LEU A 205 -6.31 33.38 2.97
CA LEU A 205 -5.59 32.16 3.20
C LEU A 205 -6.47 30.94 3.08
N ASP A 206 -7.77 31.04 3.36
CA ASP A 206 -8.67 29.89 3.18
C ASP A 206 -8.93 29.69 1.70
N ASN A 207 -8.99 30.79 0.92
CA ASN A 207 -9.20 30.73 -0.51
C ASN A 207 -7.98 30.10 -1.20
N ILE A 208 -6.77 30.32 -0.63
CA ILE A 208 -5.51 29.76 -1.11
C ILE A 208 -5.56 28.22 -0.95
N VAL A 209 -5.92 27.74 0.23
CA VAL A 209 -6.03 26.31 0.55
C VAL A 209 -7.07 25.65 -0.34
N ASN A 210 -8.27 26.24 -0.41
CA ASN A 210 -9.36 25.71 -1.22
C ASN A 210 -9.04 25.74 -2.72
N GLY A 211 -8.29 26.75 -3.16
CA GLY A 211 -7.84 26.86 -4.55
C GLY A 211 -6.78 25.82 -4.90
N ILE A 212 -5.74 25.67 -4.06
CA ILE A 212 -4.68 24.66 -4.25
C ILE A 212 -5.32 23.27 -4.34
N LYS A 213 -6.23 22.94 -3.40
CA LYS A 213 -6.96 21.66 -3.39
C LYS A 213 -7.79 21.44 -4.66
N GLU A 214 -8.43 22.49 -5.19
CA GLU A 214 -9.23 22.34 -6.39
C GLU A 214 -8.32 22.06 -7.58
N GLY A 215 -7.16 22.74 -7.61
CA GLY A 215 -6.14 22.57 -8.63
C GLY A 215 -5.57 21.16 -8.63
N LEU A 216 -5.19 20.66 -7.44
CA LEU A 216 -4.63 19.32 -7.30
C LEU A 216 -5.65 18.27 -7.66
N SER A 217 -6.91 18.45 -7.29
CA SER A 217 -7.99 17.47 -7.58
C SER A 217 -8.14 17.20 -9.06
N LYS A 218 -7.87 18.22 -9.89
CA LYS A 218 -8.03 18.19 -11.34
C LYS A 218 -6.72 18.01 -12.13
N ASN A 219 -5.67 18.73 -11.75
CA ASN A 219 -4.42 18.79 -12.52
C ASN A 219 -3.26 17.99 -11.91
N SER A 220 -3.55 17.06 -10.99
CA SER A 220 -2.54 16.20 -10.40
C SER A 220 -3.13 14.84 -10.24
N SER A 221 -2.25 13.84 -10.21
CA SER A 221 -2.67 12.46 -10.12
C SER A 221 -1.84 11.66 -9.13
N ILE A 222 -2.47 10.65 -8.54
CA ILE A 222 -1.84 9.69 -7.65
C ILE A 222 -2.23 8.27 -8.08
N GLN A 223 -1.22 7.42 -8.27
CA GLN A 223 -1.40 6.00 -8.49
C GLN A 223 -0.85 5.36 -7.23
N ALA A 224 -1.72 4.67 -6.46
CA ALA A 224 -1.30 4.06 -5.18
C ALA A 224 -1.33 2.52 -5.26
N LYS A 225 -0.21 1.89 -4.93
CA LYS A 225 -0.12 0.43 -4.91
C LYS A 225 0.51 -0.04 -3.64
N THR A 226 -0.13 -0.98 -2.94
CA THR A 226 0.46 -1.64 -1.77
C THR A 226 1.54 -2.60 -2.31
N THR A 227 2.80 -2.40 -1.90
CA THR A 227 3.91 -3.22 -2.38
C THR A 227 4.28 -4.34 -1.38
N SER A 228 4.03 -4.15 -0.07
CA SER A 228 4.31 -5.16 0.95
C SER A 228 3.47 -4.97 2.19
N ILE A 229 3.04 -6.06 2.80
CA ILE A 229 2.29 -6.11 4.05
C ILE A 229 3.09 -6.97 5.00
N SER A 230 3.22 -6.49 6.24
CA SER A 230 3.97 -7.18 7.29
C SER A 230 3.31 -6.89 8.62
N LYS A 231 2.46 -7.83 9.00
CA LYS A 231 1.69 -7.90 10.24
C LYS A 231 0.69 -6.75 10.25
N ASP A 232 0.82 -5.77 11.16
CA ASP A 232 -0.11 -4.67 11.29
C ASP A 232 0.30 -3.40 10.49
N GLU A 233 1.27 -3.53 9.58
CA GLU A 233 1.68 -2.36 8.80
C GLU A 233 2.09 -2.70 7.36
N ALA A 234 1.60 -1.87 6.40
CA ALA A 234 1.85 -2.00 4.97
C ALA A 234 2.70 -0.88 4.40
N ILE A 235 3.26 -1.10 3.20
CA ILE A 235 4.01 -0.12 2.42
C ILE A 235 3.25 0.14 1.13
N VAL A 236 2.79 1.40 0.97
CA VAL A 236 2.06 1.85 -0.20
C VAL A 236 3.01 2.73 -1.00
N GLU A 237 3.15 2.39 -2.27
CA GLU A 237 3.99 3.09 -3.22
C GLU A 237 3.08 4.07 -3.97
N ALA A 238 3.25 5.36 -3.68
CA ALA A 238 2.44 6.41 -4.30
C ALA A 238 3.21 7.05 -5.45
N THR A 239 2.67 6.93 -6.65
CA THR A 239 3.32 7.52 -7.82
C THR A 239 2.50 8.74 -8.12
N VAL A 240 3.12 9.89 -7.90
CA VAL A 240 2.42 11.15 -8.00
C VAL A 240 2.88 11.99 -9.17
N LYS A 241 1.89 12.44 -9.99
CA LYS A 241 2.05 13.37 -11.10
CA LYS A 241 2.12 13.39 -11.08
C LYS A 241 1.78 14.75 -10.50
N PRO A 242 2.80 15.62 -10.28
CA PRO A 242 2.52 16.90 -9.62
C PRO A 242 1.99 17.97 -10.55
N VAL A 243 1.45 19.06 -9.95
CA VAL A 243 1.06 20.24 -10.67
C VAL A 243 2.41 20.96 -10.92
N ASP A 244 2.66 21.45 -12.15
CA ASP A 244 3.90 22.18 -12.44
C ASP A 244 3.67 23.65 -12.13
N ALA A 245 4.12 24.07 -10.94
CA ALA A 245 3.97 25.43 -10.41
C ALA A 245 5.20 26.28 -10.68
N SER A 246 6.05 25.83 -11.63
CA SER A 246 7.27 26.53 -12.01
C SER A 246 6.98 27.96 -12.41
N SER A 247 5.86 28.19 -13.11
CA SER A 247 5.47 29.52 -13.58
C SER A 247 4.73 30.38 -12.56
N LEU A 248 4.20 29.79 -11.46
CA LEU A 248 3.35 30.51 -10.48
C LEU A 248 3.95 31.83 -9.99
N SER A 249 5.27 31.82 -9.73
CA SER A 249 6.05 33.01 -9.33
C SER A 249 5.78 34.15 -10.27
N ASP A 250 6.11 33.93 -11.57
CA ASP A 250 5.96 34.90 -12.66
C ASP A 250 4.50 35.31 -12.86
N ARG A 251 3.56 34.35 -12.82
CA ARG A 251 2.13 34.62 -12.99
C ARG A 251 1.63 35.61 -11.97
N ILE A 252 2.05 35.46 -10.69
CA ILE A 252 1.63 36.39 -9.65
C ILE A 252 2.39 37.69 -9.87
N GLU A 253 3.71 37.62 -10.11
CA GLU A 253 4.57 38.78 -10.42
C GLU A 253 3.91 39.62 -11.54
N ASP A 254 3.42 38.95 -12.62
CA ASP A 254 2.78 39.61 -13.76
C ASP A 254 1.39 40.14 -13.41
N LYS A 255 0.64 39.48 -12.54
CA LYS A 255 -0.69 39.95 -12.16
C LYS A 255 -0.58 41.14 -11.20
N VAL A 256 0.49 41.13 -10.36
CA VAL A 256 0.84 42.17 -9.39
C VAL A 256 1.24 43.42 -10.15
N LYS A 257 2.10 43.26 -11.19
CA LYS A 257 2.54 44.37 -12.05
C LYS A 257 1.33 45.00 -12.75
N ASP A 258 0.42 44.15 -13.27
CA ASP A 258 -0.83 44.53 -13.94
C ASP A 258 -1.75 45.34 -13.00
N TYR A 259 -1.57 45.22 -11.66
CA TYR A 259 -2.29 45.93 -10.57
C TYR A 259 -1.59 47.27 -10.21
N TYR A 260 -0.27 47.38 -10.50
CA TYR A 260 0.53 48.60 -10.34
C TYR A 260 0.32 49.48 -11.58
N SER A 261 0.20 48.83 -12.80
CA SER A 261 -0.07 49.50 -14.08
CA SER A 261 -0.06 49.49 -14.09
C SER A 261 -1.49 50.11 -14.07
N LYS A 262 -2.36 49.61 -13.15
CA LYS A 262 -3.72 50.04 -12.87
C LYS A 262 -3.67 51.24 -11.88
N ASN A 263 -3.38 50.93 -10.59
CA ASN A 263 -3.26 51.82 -9.43
C ASN A 263 -1.78 51.98 -9.05
N SER A 264 -1.19 53.14 -9.41
CA SER A 264 0.20 53.53 -9.15
C SER A 264 0.51 53.68 -7.64
N SER A 265 -0.36 54.44 -6.93
CA SER A 265 -0.27 54.77 -5.50
C SER A 265 -0.72 53.59 -4.61
N ALA A 266 -0.36 52.36 -5.02
CA ALA A 266 -0.69 51.13 -4.31
C ALA A 266 0.41 50.78 -3.30
N SER A 267 0.05 50.69 -2.01
CA SER A 267 0.97 50.37 -0.92
C SER A 267 1.45 48.92 -1.00
N TYR A 268 2.42 48.57 -0.14
CA TYR A 268 2.96 47.22 -0.06
C TYR A 268 1.87 46.28 0.48
N GLU A 269 1.00 46.77 1.39
CA GLU A 269 -0.10 45.98 1.95
C GLU A 269 -1.16 45.69 0.87
N GLU A 270 -1.62 46.74 0.13
CA GLU A 270 -2.61 46.64 -0.96
C GLU A 270 -2.22 45.55 -1.98
N ALA A 271 -0.96 45.61 -2.46
CA ALA A 271 -0.34 44.72 -3.44
C ALA A 271 -0.15 43.31 -2.90
N VAL A 272 0.22 43.16 -1.60
CA VAL A 272 0.40 41.85 -0.96
C VAL A 272 -0.96 41.16 -0.88
N LYS A 273 -1.99 41.86 -0.38
CA LYS A 273 -3.35 41.35 -0.26
C LYS A 273 -3.90 40.92 -1.62
N TYR A 274 -3.65 41.71 -2.68
CA TYR A 274 -4.08 41.38 -4.04
C TYR A 274 -3.36 40.12 -4.54
N ALA A 275 -2.05 39.99 -4.23
CA ALA A 275 -1.27 38.83 -4.65
C ALA A 275 -1.87 37.56 -4.05
N LEU A 276 -2.27 37.61 -2.77
CA LEU A 276 -2.87 36.47 -2.07
C LEU A 276 -4.25 36.12 -2.63
N GLN A 277 -4.89 37.10 -3.32
CA GLN A 277 -6.19 36.95 -3.94
C GLN A 277 -6.10 36.25 -5.31
N VAL A 278 -5.11 36.64 -6.16
CA VAL A 278 -4.95 36.05 -7.49
C VAL A 278 -4.35 34.64 -7.40
N TYR A 279 -3.52 34.36 -6.36
CA TYR A 279 -2.83 33.08 -6.12
C TYR A 279 -3.76 31.87 -6.40
N PRO A 280 -4.96 31.74 -5.76
CA PRO A 280 -5.84 30.61 -6.05
C PRO A 280 -6.23 30.47 -7.53
N GLU A 281 -6.57 31.59 -8.16
CA GLU A 281 -7.08 31.63 -9.53
C GLU A 281 -5.98 31.30 -10.53
N GLU A 282 -4.73 31.67 -10.20
CA GLU A 282 -3.57 31.38 -11.04
C GLU A 282 -3.08 29.95 -10.85
N PHE A 283 -3.13 29.42 -9.60
CA PHE A 283 -2.76 28.02 -9.32
C PHE A 283 -3.67 27.07 -10.08
N LYS A 284 -4.99 27.32 -10.05
CA LYS A 284 -6.04 26.57 -10.75
C LYS A 284 -5.79 26.53 -12.28
N LYS A 285 -4.96 27.44 -12.82
CA LYS A 285 -4.61 27.53 -14.25
C LYS A 285 -3.44 26.61 -14.64
N LEU A 286 -2.67 26.08 -13.65
CA LEU A 286 -1.48 25.28 -13.92
C LEU A 286 -1.82 23.85 -14.28
N GLY A 287 -0.99 23.25 -15.11
CA GLY A 287 -1.15 21.86 -15.52
C GLY A 287 -0.17 20.90 -14.86
N PRO A 288 -0.34 19.58 -15.07
CA PRO A 288 0.62 18.64 -14.49
C PRO A 288 2.01 18.74 -15.08
N ALA A 289 3.01 18.32 -14.29
CA ALA A 289 4.40 18.29 -14.70
C ALA A 289 4.65 17.05 -15.54
N SER A 290 5.71 17.06 -16.37
CA SER A 290 6.11 15.94 -17.24
C SER A 290 6.44 14.69 -16.38
N SER A 291 7.29 14.90 -15.35
CA SER A 291 7.80 13.94 -14.38
C SER A 291 6.75 13.38 -13.40
N GLU A 292 7.16 12.34 -12.68
CA GLU A 292 6.45 11.65 -11.62
C GLU A 292 7.42 11.43 -10.47
N LYS A 293 6.90 11.32 -9.25
CA LYS A 293 7.72 11.04 -8.08
C LYS A 293 7.06 9.90 -7.36
N THR A 294 7.85 8.92 -6.96
CA THR A 294 7.30 7.77 -6.25
C THR A 294 7.71 7.89 -4.79
N VAL A 295 6.74 7.84 -3.89
CA VAL A 295 6.99 7.99 -2.46
C VAL A 295 6.49 6.76 -1.77
N GLU A 296 7.28 6.20 -0.87
CA GLU A 296 6.85 5.06 -0.09
C GLU A 296 6.26 5.58 1.19
N VAL A 297 5.08 5.11 1.53
CA VAL A 297 4.32 5.57 2.68
C VAL A 297 3.88 4.35 3.48
N LYS A 298 4.07 4.41 4.80
CA LYS A 298 3.70 3.33 5.70
C LYS A 298 2.31 3.58 6.27
N LYS A 300 -0.88 1.80 8.79
CA LYS A 300 -0.98 0.95 9.97
C LYS A 300 -2.42 0.50 10.14
N LYS A 301 -2.62 -0.83 10.23
CA LYS A 301 -3.93 -1.47 10.38
C LYS A 301 -4.35 -1.58 11.86
N ASN A 302 -5.65 -1.41 12.13
CA ASN A 302 -6.22 -1.55 13.47
C ASN A 302 -6.84 -2.97 13.62
N ASP A 303 -7.73 -3.17 14.61
CA ASP A 303 -8.39 -4.45 14.88
C ASP A 303 -9.49 -4.73 13.85
N ILE A 304 -10.30 -3.70 13.52
CA ILE A 304 -11.45 -3.71 12.61
C ILE A 304 -10.98 -3.54 11.12
N ASP A 305 -9.68 -3.82 10.83
CA ASP A 305 -9.01 -3.78 9.53
C ASP A 305 -9.29 -2.46 8.78
N GLN A 306 -8.73 -1.40 9.36
CA GLN A 306 -8.77 -0.03 8.89
C GLN A 306 -7.36 0.47 8.80
N TRP A 307 -6.99 1.07 7.68
CA TRP A 307 -5.63 1.54 7.52
C TRP A 307 -5.52 3.04 7.74
N GLN A 308 -4.45 3.44 8.44
CA GLN A 308 -4.20 4.82 8.84
C GLN A 308 -2.82 5.32 8.43
N LEU A 309 -2.75 6.63 8.14
CA LEU A 309 -1.54 7.38 7.81
C LEU A 309 -1.22 8.32 8.99
N ASP A 310 0.00 8.21 9.55
CA ASP A 310 0.44 9.09 10.64
C ASP A 310 0.87 10.40 9.99
N ASP A 312 2.20 12.95 11.31
CA ASP A 312 3.44 13.38 11.93
C ASP A 312 4.68 12.69 11.32
N ASP A 313 4.49 11.58 10.57
CA ASP A 313 5.59 10.82 9.93
C ASP A 313 6.15 11.63 8.74
N TYR A 314 7.49 11.72 8.61
CA TYR A 314 8.16 12.46 7.53
C TYR A 314 7.75 11.95 6.15
N ARG A 315 7.41 10.66 6.02
CA ARG A 315 7.01 10.07 4.75
C ARG A 315 5.63 10.64 4.28
N ALA A 316 4.73 11.01 5.24
CA ALA A 316 3.44 11.65 4.96
C ALA A 316 3.68 13.06 4.41
N ALA A 317 4.66 13.78 4.97
CA ALA A 317 5.03 15.11 4.53
C ALA A 317 5.55 15.07 3.11
N GLU A 318 6.42 14.09 2.82
CA GLU A 318 7.04 13.84 1.52
C GLU A 318 5.99 13.53 0.48
N LEU A 319 4.90 12.87 0.88
CA LEU A 319 3.81 12.53 -0.01
C LEU A 319 3.09 13.83 -0.41
N VAL A 320 2.76 14.67 0.60
CA VAL A 320 2.09 15.96 0.40
C VAL A 320 2.98 16.87 -0.47
N GLU A 321 4.30 16.94 -0.19
CA GLU A 321 5.26 17.76 -0.96
C GLU A 321 5.40 17.33 -2.40
N ALA A 322 5.13 16.04 -2.68
CA ALA A 322 5.26 15.44 -4.03
C ALA A 322 4.18 15.91 -5.01
N PHE A 323 3.12 16.59 -4.52
CA PHE A 323 1.99 17.01 -5.35
C PHE A 323 2.21 18.32 -6.09
N ILE A 324 3.23 19.11 -5.71
CA ILE A 324 3.54 20.37 -6.34
C ILE A 324 5.03 20.44 -6.65
N LYS A 325 5.34 20.56 -7.94
CA LYS A 325 6.69 20.71 -8.50
C LYS A 325 6.94 22.20 -8.69
N GLU A 326 8.12 22.67 -8.31
CA GLU A 326 8.47 24.09 -8.46
C GLU A 326 9.55 24.27 -9.55
#